data_3HFS
#
_entry.id   3HFS
#
_cell.length_a   84.518
_cell.length_b   51.012
_cell.length_c   86.113
_cell.angle_alpha   90.00
_cell.angle_beta   110.31
_cell.angle_gamma   90.00
#
_symmetry.space_group_name_H-M   'P 1 21 1'
#
loop_
_entity.id
_entity.type
_entity.pdbx_description
1 polymer 'Anthocyanidin reductase'
2 non-polymer 'CHLORIDE ION'
#
_entity_poly.entity_id   1
_entity_poly.type   'polypeptide(L)'
_entity_poly.pdbx_seq_one_letter_code
;MATQHPIGKKTACVVGGTGFVASLLVKLLLQKGYAVNTTVRDPDNQKKVSHLLELQELGDLKIFRADLTDELSFEAPIAG
CDFVFHVATPVHFASEDPENDMIKPAIQGVVNVMKACTRAKSVKRVILTSSAAAVTINQLDGTGLVVDEKNWTDIEFLTS
AKPPTWGYPASKTLAEKAAWKFAEENNIDLITVIPTLMAGSSLTSDVPSSIGLAMSLITGNEFLINGMKGMQMLSGSVSI
AHVEDVCRAHIFVAEKESASGRYICCAANTSVPELAKFLSKRYPQYKVPTDFGDFPPKSKLIISSEKLVKEGFSFKYGIE
EIYDESVEYFKAKGLLQN
;
_entity_poly.pdbx_strand_id   A,B
#
# COMPACT_ATOMS: atom_id res chain seq x y z
N ILE A 7 22.98 42.34 11.84
CA ILE A 7 21.95 41.50 12.51
C ILE A 7 22.07 40.05 12.06
N GLY A 8 21.31 39.19 12.72
CA GLY A 8 21.16 37.80 12.31
C GLY A 8 20.27 37.72 11.08
N LYS A 9 20.70 38.40 10.01
CA LYS A 9 20.08 38.33 8.71
C LYS A 9 20.94 37.32 7.97
N LYS A 10 20.32 36.19 7.65
CA LYS A 10 21.01 34.93 7.42
C LYS A 10 21.08 34.72 5.92
N THR A 11 22.23 34.31 5.41
CA THR A 11 22.35 34.05 3.99
C THR A 11 22.96 32.68 3.70
N ALA A 12 22.59 32.13 2.55
CA ALA A 12 23.03 30.81 2.15
C ALA A 12 23.10 30.74 0.64
N CYS A 13 24.04 29.96 0.11
CA CYS A 13 24.09 29.70 -1.32
C CYS A 13 23.78 28.26 -1.72
N VAL A 14 22.96 28.09 -2.77
CA VAL A 14 22.53 26.78 -3.23
C VAL A 14 22.89 26.63 -4.70
N VAL A 15 24.01 25.96 -5.00
CA VAL A 15 24.47 25.87 -6.40
C VAL A 15 23.42 25.12 -7.20
N GLY A 16 23.48 25.21 -8.52
CA GLY A 16 22.60 24.42 -9.41
C GLY A 16 21.14 24.39 -8.99
N GLY A 17 20.51 25.56 -9.01
CA GLY A 17 19.14 25.72 -8.51
C GLY A 17 18.09 24.93 -9.27
N THR A 18 18.39 24.52 -10.50
CA THR A 18 17.46 23.69 -11.26
C THR A 18 17.21 22.34 -10.59
N GLY A 19 18.21 21.84 -9.86
CA GLY A 19 18.17 20.52 -9.21
C GLY A 19 16.88 20.12 -8.50
N PHE A 20 16.56 18.84 -8.59
CA PHE A 20 15.38 18.25 -7.93
C PHE A 20 15.49 18.52 -6.45
N VAL A 21 16.63 18.17 -5.86
CA VAL A 21 16.86 18.49 -4.46
C VAL A 21 16.99 20.00 -4.29
N ALA A 22 17.87 20.61 -5.08
CA ALA A 22 18.27 22.03 -4.91
C ALA A 22 17.07 22.96 -4.91
N SER A 23 16.35 23.02 -6.02
CA SER A 23 15.15 23.84 -6.07
C SER A 23 14.47 23.76 -4.73
N LEU A 24 14.22 22.55 -4.26
CA LEU A 24 13.44 22.41 -3.06
C LEU A 24 14.11 23.05 -1.86
N LEU A 25 15.43 22.94 -1.76
CA LEU A 25 16.18 23.65 -0.70
C LEU A 25 15.87 25.13 -0.75
N VAL A 26 16.13 25.74 -1.91
CA VAL A 26 15.93 27.18 -2.09
C VAL A 26 14.58 27.56 -1.55
N LYS A 27 13.52 27.08 -2.20
CA LYS A 27 12.17 27.39 -1.75
C LYS A 27 12.12 27.29 -0.22
N LEU A 28 12.59 26.16 0.30
CA LEU A 28 12.54 25.91 1.75
C LEU A 28 13.41 26.88 2.56
N LEU A 29 14.60 27.22 2.06
CA LEU A 29 15.44 28.20 2.75
C LEU A 29 14.71 29.51 2.83
N LEU A 30 14.24 29.98 1.67
CA LEU A 30 13.54 31.23 1.60
C LEU A 30 12.45 31.29 2.66
N GLN A 31 11.68 30.23 2.81
CA GLN A 31 10.63 30.21 3.82
C GLN A 31 11.21 30.34 5.22
N LYS A 32 12.41 29.83 5.43
CA LYS A 32 13.09 29.93 6.73
C LYS A 32 13.65 31.34 6.99
N GLY A 33 13.56 32.22 6.01
CA GLY A 33 13.97 33.59 6.16
C GLY A 33 15.28 33.87 5.48
N TYR A 34 16.01 32.81 5.11
CA TYR A 34 17.34 33.00 4.54
C TYR A 34 17.29 33.85 3.28
N ALA A 35 18.41 34.51 2.99
CA ALA A 35 18.59 35.24 1.75
C ALA A 35 19.38 34.34 0.80
N VAL A 36 18.71 33.83 -0.23
CA VAL A 36 19.28 32.75 -1.03
C VAL A 36 19.88 33.24 -2.34
N ASN A 37 21.11 32.81 -2.59
CA ASN A 37 21.69 32.94 -3.93
C ASN A 37 21.76 31.56 -4.51
N THR A 38 21.31 31.39 -5.75
CA THR A 38 21.51 30.11 -6.44
C THR A 38 22.20 30.31 -7.76
N THR A 39 22.45 29.22 -8.50
CA THR A 39 23.18 29.32 -9.77
C THR A 39 22.59 28.42 -10.85
N VAL A 40 23.02 28.62 -12.10
CA VAL A 40 22.63 27.74 -13.22
C VAL A 40 23.58 27.91 -14.43
N ARG A 41 23.71 26.91 -15.27
CA ARG A 41 24.65 26.99 -16.41
C ARG A 41 24.23 28.11 -17.37
N ASP A 42 23.03 27.97 -17.94
CA ASP A 42 22.50 28.94 -18.90
C ASP A 42 21.07 29.33 -18.55
N PRO A 43 20.89 30.46 -17.85
CA PRO A 43 19.59 31.10 -17.57
C PRO A 43 18.60 31.17 -18.74
N ASP A 44 19.07 30.91 -19.95
CA ASP A 44 18.38 31.22 -21.22
C ASP A 44 17.50 30.09 -21.75
N ASN A 45 17.24 29.08 -20.92
CA ASN A 45 16.14 28.17 -21.13
C ASN A 45 14.97 28.71 -20.30
N GLN A 46 13.96 29.24 -20.99
CA GLN A 46 12.81 29.86 -20.32
C GLN A 46 12.03 28.85 -19.49
N LYS A 47 11.89 27.64 -20.03
CA LYS A 47 11.19 26.54 -19.34
C LYS A 47 11.97 26.03 -18.13
N LYS A 48 13.29 26.06 -18.24
CA LYS A 48 14.16 25.47 -17.21
C LYS A 48 13.99 26.20 -15.89
N VAL A 49 14.03 27.52 -15.95
CA VAL A 49 14.04 28.35 -14.75
C VAL A 49 12.61 28.60 -14.26
N SER A 50 11.64 28.31 -15.13
CA SER A 50 10.24 28.52 -14.80
C SER A 50 9.77 28.35 -13.36
N HIS A 51 10.26 27.30 -12.71
CA HIS A 51 10.04 27.09 -11.28
C HIS A 51 10.87 28.04 -10.42
N LEU A 52 12.06 28.41 -10.91
CA LEU A 52 12.87 29.35 -10.15
C LEU A 52 12.23 30.74 -10.08
N LEU A 53 11.73 31.25 -11.21
CA LEU A 53 11.08 32.57 -11.24
C LEU A 53 9.97 32.65 -10.18
N GLU A 54 9.09 31.66 -10.18
CA GLU A 54 7.99 31.59 -9.21
C GLU A 54 8.49 31.77 -7.79
N LEU A 55 9.63 31.15 -7.46
CA LEU A 55 10.18 31.23 -6.09
C LEU A 55 10.60 32.64 -5.64
N GLN A 56 11.00 33.51 -6.58
CA GLN A 56 11.36 34.91 -6.26
C GLN A 56 10.29 35.58 -5.40
N GLU A 57 9.04 35.31 -5.73
CA GLU A 57 7.90 35.81 -4.95
C GLU A 57 8.08 35.56 -3.45
N LEU A 58 8.62 34.41 -3.08
CA LEU A 58 8.76 34.04 -1.66
C LEU A 58 9.77 34.90 -0.85
N GLY A 59 10.79 35.47 -1.52
CA GLY A 59 11.86 36.18 -0.80
C GLY A 59 13.04 36.58 -1.66
N ASP A 60 14.11 37.03 -0.99
CA ASP A 60 15.24 37.67 -1.68
C ASP A 60 16.12 36.63 -2.38
N LEU A 61 15.64 36.10 -3.50
CA LEU A 61 16.40 35.06 -4.22
C LEU A 61 17.14 35.70 -5.36
N LYS A 62 18.46 35.70 -5.30
CA LYS A 62 19.27 36.25 -6.40
C LYS A 62 19.88 35.11 -7.19
N ILE A 63 19.40 34.88 -8.40
CA ILE A 63 20.05 33.91 -9.29
C ILE A 63 21.47 34.40 -9.59
N PHE A 64 22.31 33.47 -10.01
CA PHE A 64 23.60 33.81 -10.60
C PHE A 64 23.84 32.75 -11.66
N ARG A 65 24.75 33.04 -12.57
CA ARG A 65 25.00 32.18 -13.71
C ARG A 65 26.32 31.49 -13.44
N ALA A 66 26.30 30.16 -13.39
CA ALA A 66 27.48 29.43 -12.96
C ALA A 66 27.64 28.17 -13.76
N ASP A 67 28.91 27.88 -14.06
CA ASP A 67 29.31 26.60 -14.60
C ASP A 67 30.27 26.02 -13.58
N LEU A 68 30.22 24.70 -13.44
CA LEU A 68 31.10 23.98 -12.51
C LEU A 68 32.55 23.95 -13.01
N THR A 69 32.79 24.49 -14.21
CA THR A 69 34.11 24.59 -14.82
C THR A 69 34.91 25.83 -14.43
N ASP A 70 34.29 27.00 -14.26
CA ASP A 70 35.08 28.17 -13.80
C ASP A 70 34.88 28.49 -12.32
N GLU A 71 35.87 28.12 -11.51
CA GLU A 71 35.87 28.45 -10.08
C GLU A 71 35.51 29.91 -9.84
N LEU A 72 35.75 30.74 -10.86
CA LEU A 72 35.31 32.13 -10.85
C LEU A 72 33.78 32.27 -10.72
N SER A 73 33.01 31.48 -11.49
CA SER A 73 31.54 31.62 -11.45
C SER A 73 31.08 31.73 -10.02
N PHE A 74 31.62 30.87 -9.17
CA PHE A 74 31.15 30.72 -7.79
C PHE A 74 31.46 31.91 -6.89
N GLU A 75 32.43 32.75 -7.29
CA GLU A 75 32.84 33.90 -6.47
C GLU A 75 31.65 34.82 -6.23
N ALA A 76 30.98 35.17 -7.32
CA ALA A 76 29.79 36.02 -7.26
C ALA A 76 28.75 35.49 -6.25
N PRO A 77 28.07 34.37 -6.60
CA PRO A 77 26.98 33.85 -5.80
C PRO A 77 27.43 33.46 -4.41
N ILE A 78 28.66 32.95 -4.28
CA ILE A 78 29.15 32.41 -3.01
C ILE A 78 29.41 33.49 -1.95
N ALA A 79 29.72 34.70 -2.41
CA ALA A 79 30.13 35.81 -1.56
C ALA A 79 29.00 36.37 -0.69
N GLY A 80 29.25 36.41 0.61
CA GLY A 80 28.32 36.96 1.59
C GLY A 80 27.48 35.91 2.27
N CYS A 81 27.52 34.69 1.72
CA CYS A 81 26.66 33.62 2.21
C CYS A 81 27.30 32.87 3.37
N ASP A 82 26.51 32.67 4.42
CA ASP A 82 26.91 31.87 5.56
C ASP A 82 27.11 30.40 5.18
N PHE A 83 26.19 29.87 4.38
CA PHE A 83 26.21 28.44 3.98
C PHE A 83 26.22 28.18 2.50
N VAL A 84 26.99 27.18 2.10
CA VAL A 84 26.95 26.74 0.72
C VAL A 84 26.36 25.34 0.67
N PHE A 85 25.41 25.15 -0.23
CA PHE A 85 24.81 23.85 -0.47
C PHE A 85 25.07 23.44 -1.89
N HIS A 86 25.89 22.41 -2.08
CA HIS A 86 26.09 21.85 -3.39
C HIS A 86 25.70 20.39 -3.39
N VAL A 87 24.88 20.01 -4.37
CA VAL A 87 24.40 18.65 -4.54
C VAL A 87 25.34 17.96 -5.53
N ALA A 88 26.24 17.13 -5.01
CA ALA A 88 27.35 16.60 -5.80
C ALA A 88 26.89 15.65 -6.90
N THR A 89 25.80 14.92 -6.61
CA THR A 89 25.27 13.85 -7.46
C THR A 89 23.77 14.06 -7.69
N PRO A 90 23.42 14.82 -8.74
CA PRO A 90 22.02 15.20 -8.97
C PRO A 90 21.18 14.13 -9.66
N VAL A 91 20.01 13.82 -9.12
CA VAL A 91 19.03 13.04 -9.87
C VAL A 91 18.96 13.66 -11.25
N HIS A 92 19.19 12.87 -12.30
CA HIS A 92 19.38 13.38 -13.68
C HIS A 92 18.23 12.93 -14.58
N ILE A 103 30.53 12.14 -13.57
CA ILE A 103 31.65 11.47 -12.92
C ILE A 103 32.83 12.43 -12.76
N LYS A 104 33.65 12.57 -13.81
CA LYS A 104 34.75 13.53 -13.79
C LYS A 104 34.22 14.96 -13.60
N PRO A 105 33.09 15.31 -14.24
CA PRO A 105 32.48 16.63 -14.10
C PRO A 105 32.13 17.02 -12.66
N ALA A 106 31.47 16.13 -11.93
CA ALA A 106 31.13 16.39 -10.53
C ALA A 106 32.40 16.60 -9.70
N ILE A 107 33.31 15.63 -9.76
CA ILE A 107 34.59 15.71 -9.02
C ILE A 107 35.24 17.09 -9.17
N GLN A 108 35.23 17.63 -10.39
CA GLN A 108 35.72 18.98 -10.66
C GLN A 108 34.73 20.02 -10.12
N GLY A 109 33.45 19.73 -10.28
CA GLY A 109 32.40 20.61 -9.77
C GLY A 109 32.51 20.88 -8.28
N VAL A 110 32.97 19.88 -7.52
CA VAL A 110 33.09 19.97 -6.06
C VAL A 110 34.34 20.71 -5.57
N VAL A 111 35.45 20.62 -6.32
CA VAL A 111 36.66 21.38 -5.98
C VAL A 111 36.47 22.88 -6.22
N ASN A 112 36.05 23.22 -7.43
CA ASN A 112 35.83 24.62 -7.78
C ASN A 112 35.01 25.30 -6.71
N VAL A 113 33.84 24.73 -6.44
CA VAL A 113 32.90 25.29 -5.48
C VAL A 113 33.60 25.43 -4.15
N MET A 114 34.24 24.36 -3.72
CA MET A 114 34.99 24.39 -2.47
C MET A 114 36.14 25.39 -2.57
N LYS A 115 36.78 25.42 -3.74
CA LYS A 115 37.82 26.40 -4.02
C LYS A 115 37.30 27.78 -3.60
N ALA A 116 36.19 28.21 -4.21
CA ALA A 116 35.59 29.53 -3.94
C ALA A 116 35.28 29.79 -2.47
N CYS A 117 34.89 28.74 -1.74
CA CYS A 117 34.61 28.87 -0.30
C CYS A 117 35.88 29.12 0.55
N THR A 118 37.04 28.79 0.01
CA THR A 118 38.29 29.22 0.61
C THR A 118 38.37 30.75 0.50
N ARG A 119 38.02 31.26 -0.68
CA ARG A 119 38.03 32.70 -0.98
C ARG A 119 36.73 33.41 -0.55
N ALA A 120 36.40 33.26 0.73
CA ALA A 120 35.31 33.98 1.37
C ALA A 120 35.39 33.71 2.86
N LYS A 121 35.30 34.78 3.66
CA LYS A 121 35.17 34.64 5.10
C LYS A 121 33.73 34.30 5.44
N SER A 122 32.80 34.86 4.68
CA SER A 122 31.38 34.74 4.99
C SER A 122 30.92 33.30 5.28
N VAL A 123 31.44 32.35 4.48
CA VAL A 123 30.97 30.96 4.46
C VAL A 123 31.36 30.17 5.70
N LYS A 124 30.44 30.12 6.66
CA LYS A 124 30.70 29.45 7.93
C LYS A 124 30.80 27.94 7.77
N ARG A 125 30.05 27.39 6.81
CA ARG A 125 30.02 25.94 6.62
C ARG A 125 29.47 25.51 5.27
N VAL A 126 30.03 24.41 4.75
CA VAL A 126 29.51 23.79 3.52
C VAL A 126 28.84 22.48 3.84
N ILE A 127 27.68 22.24 3.25
CA ILE A 127 26.99 20.95 3.43
C ILE A 127 26.74 20.36 2.06
N LEU A 128 27.17 19.12 1.86
CA LEU A 128 27.20 18.52 0.53
C LEU A 128 26.33 17.26 0.47
N THR A 129 25.68 17.07 -0.67
CA THR A 129 24.85 15.89 -0.90
C THR A 129 25.59 14.99 -1.86
N SER A 130 25.88 13.76 -1.44
CA SER A 130 26.32 12.73 -2.38
C SER A 130 25.70 11.40 -2.00
N SER A 131 25.35 10.61 -3.00
CA SER A 131 24.88 9.25 -2.77
C SER A 131 25.33 8.35 -3.91
N ALA A 132 25.56 7.07 -3.56
CA ALA A 132 25.82 6.03 -4.55
C ALA A 132 24.55 5.78 -5.39
N ALA A 133 23.40 5.81 -4.73
CA ALA A 133 22.11 5.59 -5.39
C ALA A 133 21.93 6.45 -6.61
N ALA A 134 22.00 7.76 -6.42
CA ALA A 134 21.76 8.69 -7.54
C ALA A 134 22.70 8.40 -8.68
N VAL A 135 23.96 8.11 -8.33
CA VAL A 135 24.95 7.77 -9.33
C VAL A 135 24.32 6.69 -10.20
N THR A 136 24.04 5.53 -9.59
CA THR A 136 23.38 4.42 -10.29
C THR A 136 22.14 4.91 -10.98
N ILE A 137 21.22 5.44 -10.20
CA ILE A 137 19.89 5.73 -10.70
C ILE A 137 19.91 6.46 -12.05
N ASN A 138 20.91 7.31 -12.22
CA ASN A 138 21.03 8.10 -13.43
C ASN A 138 21.71 7.32 -14.54
N GLN A 139 22.37 6.22 -14.18
CA GLN A 139 22.76 5.21 -15.15
C GLN A 139 21.50 4.62 -15.79
N LEU A 140 20.50 4.27 -14.97
CA LEU A 140 19.21 3.75 -15.48
C LEU A 140 18.53 4.68 -16.51
N ASP A 141 18.84 5.97 -16.45
CA ASP A 141 18.42 6.92 -17.48
C ASP A 141 19.41 6.87 -18.64
N GLY A 142 20.38 5.96 -18.57
CA GLY A 142 21.46 5.90 -19.56
C GLY A 142 20.94 5.25 -20.83
N THR A 143 21.75 5.31 -21.88
CA THR A 143 21.38 4.73 -23.17
C THR A 143 22.29 3.54 -23.45
N GLY A 144 21.70 2.47 -23.97
CA GLY A 144 22.47 1.29 -24.37
C GLY A 144 22.69 0.33 -23.23
N LEU A 145 21.78 0.31 -22.26
CA LEU A 145 21.91 -0.61 -21.13
C LEU A 145 21.43 -2.00 -21.59
N VAL A 146 22.17 -3.05 -21.21
CA VAL A 146 21.96 -4.40 -21.76
C VAL A 146 20.87 -5.18 -21.01
N VAL A 147 19.97 -5.82 -21.75
CA VAL A 147 18.90 -6.59 -21.14
C VAL A 147 19.13 -8.09 -21.38
N ASP A 148 19.06 -8.86 -20.29
CA ASP A 148 19.21 -10.30 -20.32
C ASP A 148 17.89 -10.93 -19.91
N GLU A 149 17.87 -12.26 -19.76
CA GLU A 149 16.68 -12.96 -19.27
C GLU A 149 16.64 -12.84 -17.76
N LYS A 150 17.81 -12.97 -17.13
CA LYS A 150 18.00 -12.75 -15.67
C LYS A 150 19.07 -13.72 -15.15
N THR A 165 26.87 -2.34 -11.63
CA THR A 165 26.52 -0.98 -11.22
C THR A 165 26.15 -0.61 -9.75
N TRP A 166 24.94 -1.01 -9.30
CA TRP A 166 24.48 -0.81 -7.91
C TRP A 166 25.43 -1.07 -6.75
N GLY A 167 25.63 -0.02 -5.93
CA GLY A 167 26.75 0.05 -4.99
C GLY A 167 26.34 0.18 -3.55
N TYR A 168 27.31 0.03 -2.66
CA TYR A 168 27.06 0.04 -1.21
C TYR A 168 26.48 1.39 -0.77
N PRO A 169 25.23 1.39 -0.27
CA PRO A 169 24.54 2.66 -0.03
C PRO A 169 25.34 3.63 0.84
N ALA A 170 25.97 3.12 1.90
CA ALA A 170 26.77 3.97 2.77
C ALA A 170 28.15 4.30 2.19
N SER A 171 28.42 3.98 0.92
CA SER A 171 29.75 4.24 0.34
C SER A 171 29.89 5.69 -0.07
N LYS A 172 31.15 6.12 -0.21
CA LYS A 172 31.47 7.49 -0.49
C LYS A 172 31.74 7.60 -1.96
N THR A 173 31.01 8.45 -2.67
CA THR A 173 31.33 8.75 -4.05
C THR A 173 32.74 9.29 -4.09
N LEU A 174 33.43 9.17 -5.22
CA LEU A 174 34.73 9.78 -5.33
C LEU A 174 34.54 11.25 -5.01
N ALA A 175 33.56 11.88 -5.69
CA ALA A 175 33.23 13.29 -5.45
C ALA A 175 33.17 13.59 -3.95
N GLU A 176 32.39 12.80 -3.23
CA GLU A 176 32.34 12.92 -1.78
C GLU A 176 33.73 12.77 -1.20
N LYS A 177 34.40 11.70 -1.58
CA LYS A 177 35.74 11.42 -1.08
C LYS A 177 36.65 12.62 -1.34
N ALA A 178 36.56 13.14 -2.58
CA ALA A 178 37.33 14.32 -3.03
C ALA A 178 37.01 15.58 -2.21
N ALA A 179 35.72 15.82 -2.00
CA ALA A 179 35.23 16.88 -1.13
C ALA A 179 35.87 16.80 0.26
N TRP A 180 35.86 15.61 0.85
CA TRP A 180 36.40 15.46 2.18
C TRP A 180 37.87 15.83 2.22
N LYS A 181 38.64 15.34 1.25
CA LYS A 181 40.10 15.56 1.28
C LYS A 181 40.37 17.06 1.32
N PHE A 182 39.94 17.74 0.26
CA PHE A 182 40.04 19.18 0.15
C PHE A 182 39.71 19.90 1.46
N ALA A 183 38.43 19.83 1.84
CA ALA A 183 37.95 20.36 3.12
C ALA A 183 38.98 20.23 4.25
N GLU A 184 39.41 18.99 4.48
CA GLU A 184 40.43 18.70 5.47
C GLU A 184 41.70 19.50 5.18
N GLU A 185 42.16 19.49 3.94
CA GLU A 185 43.38 20.22 3.58
C GLU A 185 43.24 21.74 3.74
N ASN A 186 42.08 22.30 3.41
CA ASN A 186 41.87 23.75 3.46
C ASN A 186 40.98 24.18 4.64
N ASN A 187 41.02 23.42 5.73
CA ASN A 187 40.27 23.75 6.95
C ASN A 187 38.82 24.21 6.79
N ILE A 188 38.19 23.90 5.66
CA ILE A 188 36.79 24.25 5.44
C ILE A 188 35.97 23.37 6.38
N ASP A 189 34.74 23.80 6.67
CA ASP A 189 33.85 23.03 7.52
C ASP A 189 32.79 22.37 6.66
N LEU A 190 32.97 21.07 6.42
CA LEU A 190 32.08 20.31 5.55
C LEU A 190 31.23 19.34 6.34
N ILE A 191 30.01 19.10 5.86
CA ILE A 191 29.18 18.03 6.35
C ILE A 191 28.44 17.54 5.17
N THR A 192 28.22 16.24 5.09
CA THR A 192 27.59 15.66 3.91
C THR A 192 26.31 15.01 4.34
N VAL A 193 25.37 14.93 3.42
CA VAL A 193 24.13 14.21 3.64
C VAL A 193 24.02 13.14 2.56
N ILE A 194 23.82 11.89 3.00
CA ILE A 194 23.81 10.71 2.13
C ILE A 194 22.40 10.13 2.07
N PRO A 195 21.65 10.45 1.01
CA PRO A 195 20.30 9.93 0.83
C PRO A 195 20.20 8.62 0.07
N THR A 196 18.95 8.19 -0.22
CA THR A 196 18.73 6.91 -0.96
C THR A 196 17.86 6.85 -2.23
N LEU A 197 16.58 6.53 -2.04
CA LEU A 197 15.48 6.68 -2.99
C LEU A 197 14.73 7.96 -2.50
N MET A 198 14.46 8.91 -3.39
CA MET A 198 13.80 10.13 -2.99
C MET A 198 12.56 10.25 -3.82
N ALA A 199 11.45 10.43 -3.13
CA ALA A 199 10.15 10.58 -3.76
C ALA A 199 9.45 11.80 -3.19
N GLY A 200 8.16 11.91 -3.43
CA GLY A 200 7.36 13.02 -2.90
C GLY A 200 6.73 13.79 -4.05
N SER A 201 7.26 14.98 -4.31
CA SER A 201 6.86 15.78 -5.48
C SER A 201 7.99 16.71 -5.79
N SER A 202 7.96 17.30 -6.98
CA SER A 202 9.04 18.19 -7.39
C SER A 202 8.58 19.42 -8.13
N LEU A 203 9.19 20.53 -7.73
CA LEU A 203 8.96 21.84 -8.29
C LEU A 203 9.31 21.88 -9.77
N THR A 204 10.28 21.05 -10.17
CA THR A 204 10.78 21.06 -11.54
C THR A 204 9.73 20.56 -12.50
N SER A 205 9.83 21.07 -13.73
CA SER A 205 8.80 20.88 -14.73
C SER A 205 8.69 19.43 -15.08
N ASP A 206 9.84 18.84 -15.44
CA ASP A 206 9.88 17.43 -15.78
C ASP A 206 9.92 16.60 -14.50
N VAL A 207 9.55 15.33 -14.63
CA VAL A 207 9.58 14.38 -13.52
C VAL A 207 11.01 13.87 -13.34
N PRO A 208 11.40 13.54 -12.10
CA PRO A 208 12.70 12.90 -11.91
C PRO A 208 12.64 11.39 -12.04
N SER A 209 13.59 10.84 -12.78
CA SER A 209 13.80 9.40 -12.82
C SER A 209 13.45 8.77 -11.48
N SER A 210 14.04 9.32 -10.42
CA SER A 210 14.03 8.69 -9.09
C SER A 210 12.65 8.43 -8.53
N ILE A 211 11.69 9.30 -8.84
CA ILE A 211 10.32 9.06 -8.38
C ILE A 211 9.72 7.96 -9.25
N GLY A 212 9.86 8.12 -10.56
CA GLY A 212 9.29 7.16 -11.51
C GLY A 212 9.64 5.75 -11.11
N LEU A 213 10.87 5.61 -10.66
CA LEU A 213 11.39 4.37 -10.11
C LEU A 213 10.71 4.01 -8.79
N ALA A 214 10.60 4.98 -7.89
CA ALA A 214 9.88 4.77 -6.65
C ALA A 214 8.43 4.47 -6.94
N MET A 215 7.93 4.97 -8.07
CA MET A 215 6.52 4.87 -8.43
C MET A 215 6.18 3.78 -9.44
N SER A 216 7.19 3.11 -10.00
CA SER A 216 6.99 2.07 -11.01
C SER A 216 6.06 0.95 -10.54
N LEU A 217 6.10 0.65 -9.24
CA LEU A 217 5.23 -0.40 -8.71
C LEU A 217 3.75 -0.08 -8.92
N ILE A 218 3.39 1.19 -8.78
CA ILE A 218 2.03 1.69 -9.11
C ILE A 218 1.88 1.98 -10.61
N THR A 219 2.86 2.67 -11.17
CA THR A 219 2.87 2.96 -12.60
C THR A 219 2.72 1.66 -13.40
N GLY A 220 3.27 0.58 -12.88
CA GLY A 220 3.34 -0.67 -13.64
C GLY A 220 4.41 -0.67 -14.75
N ASN A 221 5.33 0.28 -14.75
CA ASN A 221 6.44 0.25 -15.71
C ASN A 221 7.37 -0.95 -15.43
N GLU A 222 7.26 -1.99 -16.25
CA GLU A 222 8.08 -3.20 -16.09
C GLU A 222 9.58 -2.87 -15.96
N PHE A 223 10.10 -2.07 -16.88
CA PHE A 223 11.53 -1.75 -16.83
C PHE A 223 11.96 -1.24 -15.50
N LEU A 224 11.22 -0.26 -14.97
CA LEU A 224 11.59 0.36 -13.70
C LEU A 224 11.48 -0.60 -12.52
N ILE A 225 10.56 -1.57 -12.63
CA ILE A 225 10.43 -2.58 -11.57
C ILE A 225 11.67 -3.47 -11.47
N ASN A 226 12.15 -3.97 -12.61
CA ASN A 226 13.42 -4.69 -12.65
C ASN A 226 14.50 -3.83 -12.08
N GLY A 227 14.52 -2.56 -12.52
CA GLY A 227 15.45 -1.58 -11.96
C GLY A 227 15.45 -1.62 -10.45
N MET A 228 14.26 -1.43 -9.88
CA MET A 228 14.10 -1.43 -8.44
C MET A 228 14.41 -2.79 -7.85
N LYS A 229 14.10 -3.84 -8.61
CA LYS A 229 14.43 -5.20 -8.19
C LYS A 229 15.92 -5.35 -8.06
N GLY A 230 16.66 -4.86 -9.03
CA GLY A 230 18.10 -4.86 -8.94
C GLY A 230 18.54 -4.05 -7.74
N MET A 231 17.91 -2.91 -7.57
CA MET A 231 18.22 -2.00 -6.46
C MET A 231 18.32 -2.79 -5.20
N GLN A 232 17.41 -3.74 -5.04
CA GLN A 232 17.38 -4.57 -3.86
C GLN A 232 18.54 -5.55 -3.76
N MET A 233 18.88 -6.20 -4.85
CA MET A 233 19.93 -7.22 -4.81
C MET A 233 21.27 -6.55 -4.69
N LEU A 234 21.50 -5.58 -5.55
CA LEU A 234 22.79 -4.97 -5.69
C LEU A 234 23.12 -3.97 -4.58
N SER A 235 22.09 -3.31 -4.02
CA SER A 235 22.26 -2.55 -2.79
C SER A 235 21.69 -3.28 -1.61
N GLY A 236 20.87 -4.29 -1.86
CA GLY A 236 20.37 -5.14 -0.78
C GLY A 236 19.45 -4.41 0.18
N SER A 237 18.86 -3.32 -0.31
CA SER A 237 17.82 -2.61 0.42
C SER A 237 17.03 -1.79 -0.56
N VAL A 238 15.75 -1.66 -0.28
CA VAL A 238 14.90 -0.66 -0.91
C VAL A 238 14.67 0.39 0.15
N SER A 239 15.47 1.45 0.10
CA SER A 239 15.40 2.52 1.06
C SER A 239 14.97 3.82 0.40
N ILE A 240 14.09 4.55 1.07
CA ILE A 240 13.44 5.69 0.45
C ILE A 240 13.30 6.83 1.42
N ALA A 241 13.15 8.03 0.88
CA ALA A 241 12.93 9.22 1.69
C ALA A 241 12.20 10.30 0.89
N HIS A 242 11.59 11.24 1.59
CA HIS A 242 10.92 12.35 0.91
C HIS A 242 11.90 13.51 0.71
N VAL A 243 11.90 14.10 -0.47
CA VAL A 243 12.91 15.10 -0.80
C VAL A 243 12.86 16.30 0.15
N GLU A 244 11.67 16.64 0.63
CA GLU A 244 11.54 17.69 1.65
C GLU A 244 12.33 17.31 2.93
N ASP A 245 12.16 16.07 3.37
CA ASP A 245 12.90 15.56 4.51
C ASP A 245 14.39 15.51 4.24
N VAL A 246 14.80 14.99 3.07
CA VAL A 246 16.21 15.02 2.70
C VAL A 246 16.65 16.45 2.74
N CYS A 247 15.80 17.34 2.25
CA CYS A 247 16.11 18.77 2.21
C CYS A 247 16.24 19.40 3.60
N ARG A 248 15.21 19.23 4.43
CA ARG A 248 15.27 19.71 5.81
C ARG A 248 16.56 19.25 6.44
N ALA A 249 16.80 17.94 6.34
CA ALA A 249 17.99 17.32 6.89
C ALA A 249 19.23 18.11 6.54
N HIS A 250 19.29 18.63 5.31
CA HIS A 250 20.44 19.44 4.89
C HIS A 250 20.58 20.74 5.69
N ILE A 251 19.47 21.44 5.86
CA ILE A 251 19.45 22.71 6.58
C ILE A 251 19.75 22.49 8.05
N PHE A 252 18.98 21.61 8.66
CA PHE A 252 19.11 21.30 10.06
C PHE A 252 20.58 21.13 10.42
N VAL A 253 21.27 20.28 9.67
CA VAL A 253 22.69 20.00 9.88
C VAL A 253 23.51 21.27 9.68
N ALA A 254 23.09 22.07 8.71
CA ALA A 254 23.71 23.35 8.40
C ALA A 254 23.57 24.29 9.61
N GLU A 255 22.41 24.24 10.25
CA GLU A 255 22.16 25.10 11.39
C GLU A 255 22.69 24.53 12.69
N LYS A 256 22.64 23.21 12.86
CA LYS A 256 23.14 22.63 14.10
C LYS A 256 24.67 22.80 14.14
N GLU A 257 25.13 23.59 15.11
CA GLU A 257 26.55 23.90 15.28
C GLU A 257 27.33 22.66 15.69
N SER A 258 26.66 21.73 16.34
CA SER A 258 27.31 20.53 16.85
C SER A 258 27.44 19.39 15.81
N ALA A 259 26.96 19.61 14.60
CA ALA A 259 26.95 18.55 13.58
C ALA A 259 28.35 18.32 12.99
N SER A 260 28.81 17.07 13.02
CA SER A 260 30.06 16.69 12.38
C SER A 260 29.86 15.45 11.53
N GLY A 261 30.32 15.50 10.27
CA GLY A 261 30.52 14.30 9.46
C GLY A 261 29.50 14.04 8.37
N ARG A 262 29.26 12.76 8.08
CA ARG A 262 28.26 12.33 7.10
C ARG A 262 26.99 11.94 7.81
N TYR A 263 25.87 12.10 7.13
CA TYR A 263 24.55 11.84 7.70
C TYR A 263 23.68 11.06 6.72
N ILE A 264 23.52 9.77 6.97
CA ILE A 264 22.67 8.95 6.12
C ILE A 264 21.22 9.32 6.37
N CYS A 265 20.53 9.71 5.32
CA CYS A 265 19.14 10.13 5.40
C CYS A 265 18.20 9.18 4.68
N CYS A 266 17.54 8.29 5.42
CA CYS A 266 16.48 7.47 4.83
C CYS A 266 15.37 7.27 5.86
N ALA A 267 14.15 7.40 5.41
CA ALA A 267 12.98 7.30 6.26
C ALA A 267 12.51 5.85 6.36
N ALA A 268 12.34 5.22 5.19
CA ALA A 268 11.78 3.86 5.09
C ALA A 268 12.77 2.79 4.56
N ASN A 269 12.59 1.57 5.04
CA ASN A 269 13.39 0.39 4.66
C ASN A 269 12.44 -0.75 4.27
N THR A 270 12.69 -1.38 3.12
CA THR A 270 11.72 -2.36 2.62
C THR A 270 12.26 -3.28 1.54
N SER A 271 11.34 -4.02 0.89
CA SER A 271 11.66 -4.95 -0.19
C SER A 271 10.66 -4.74 -1.29
N VAL A 272 11.00 -5.15 -2.51
CA VAL A 272 10.11 -4.94 -3.65
C VAL A 272 8.79 -5.71 -3.52
N PRO A 273 8.84 -6.97 -3.09
CA PRO A 273 7.61 -7.66 -2.71
C PRO A 273 6.82 -6.96 -1.61
N GLU A 274 7.41 -6.85 -0.41
CA GLU A 274 6.71 -6.31 0.77
C GLU A 274 6.27 -4.86 0.64
N LEU A 275 6.83 -4.14 -0.34
CA LEU A 275 6.38 -2.80 -0.72
C LEU A 275 5.12 -2.92 -1.57
N ALA A 276 5.19 -3.73 -2.63
CA ALA A 276 4.06 -3.95 -3.54
C ALA A 276 2.84 -4.55 -2.85
N LYS A 277 3.05 -5.42 -1.87
CA LYS A 277 1.95 -5.89 -1.04
C LYS A 277 1.31 -4.66 -0.44
N PHE A 278 2.14 -3.92 0.31
CA PHE A 278 1.75 -2.71 1.04
C PHE A 278 1.06 -1.63 0.18
N LEU A 279 1.56 -1.41 -1.04
CA LEU A 279 0.89 -0.49 -1.95
C LEU A 279 -0.46 -1.07 -2.39
N SER A 280 -0.54 -2.38 -2.58
CA SER A 280 -1.80 -3.00 -3.03
C SER A 280 -2.89 -2.74 -2.00
N LYS A 281 -2.52 -2.96 -0.73
CA LYS A 281 -3.45 -2.81 0.40
C LYS A 281 -3.57 -1.36 0.91
N ARG A 282 -3.19 -0.40 0.08
CA ARG A 282 -3.52 1.02 0.30
C ARG A 282 -4.01 1.74 -0.97
N TYR A 283 -3.90 1.07 -2.12
CA TYR A 283 -4.31 1.69 -3.37
C TYR A 283 -5.20 0.78 -4.22
N PRO A 284 -6.44 0.59 -3.77
CA PRO A 284 -7.41 -0.22 -4.52
C PRO A 284 -7.63 0.41 -5.89
N GLN A 285 -7.57 1.73 -5.94
CA GLN A 285 -7.72 2.49 -7.18
C GLN A 285 -6.79 1.99 -8.29
N TYR A 286 -5.68 1.33 -7.91
CA TYR A 286 -4.67 0.88 -8.87
C TYR A 286 -4.27 -0.60 -8.66
N LYS A 287 -3.79 -1.25 -9.73
CA LYS A 287 -3.39 -2.66 -9.64
C LYS A 287 -1.88 -2.77 -9.54
N VAL A 288 -1.39 -3.05 -8.33
CA VAL A 288 0.04 -3.24 -8.08
C VAL A 288 0.35 -4.74 -8.06
N PRO A 289 1.28 -5.17 -8.93
CA PRO A 289 1.67 -6.58 -8.96
C PRO A 289 1.94 -7.09 -7.56
N THR A 290 1.25 -8.17 -7.18
CA THR A 290 1.35 -8.72 -5.83
C THR A 290 1.98 -10.12 -5.71
N ASP A 291 2.58 -10.64 -6.79
CA ASP A 291 3.25 -11.96 -6.73
C ASP A 291 4.61 -12.00 -7.45
N PHE A 292 5.63 -12.43 -6.70
CA PHE A 292 7.00 -12.47 -7.17
C PHE A 292 7.58 -13.89 -7.28
N GLY A 293 7.00 -14.83 -6.54
CA GLY A 293 7.57 -16.18 -6.47
C GLY A 293 8.90 -16.16 -5.76
N ASP A 294 9.95 -16.62 -6.44
CA ASP A 294 11.27 -16.78 -5.83
C ASP A 294 11.75 -15.54 -5.09
N PHE A 295 11.50 -14.37 -5.70
CA PHE A 295 12.12 -13.11 -5.26
C PHE A 295 12.08 -12.93 -3.75
N PRO A 296 13.25 -12.61 -3.17
CA PRO A 296 13.38 -12.57 -1.72
C PRO A 296 12.46 -11.56 -1.04
N PRO A 297 11.78 -11.99 0.04
CA PRO A 297 10.81 -11.14 0.70
C PRO A 297 11.49 -10.07 1.58
N LYS A 298 12.70 -10.36 2.06
CA LYS A 298 13.42 -9.43 2.91
C LYS A 298 14.67 -8.96 2.16
N SER A 299 15.15 -7.77 2.51
CA SER A 299 16.36 -7.24 1.91
C SER A 299 17.46 -7.48 2.93
N LYS A 300 18.69 -7.59 2.44
CA LYS A 300 19.81 -7.93 3.31
C LYS A 300 20.11 -6.83 4.32
N LEU A 301 19.91 -5.58 3.88
CA LEU A 301 20.34 -4.40 4.62
C LEU A 301 19.20 -3.51 5.09
N ILE A 302 19.37 -2.96 6.29
CA ILE A 302 18.54 -1.88 6.81
C ILE A 302 19.43 -0.63 6.95
N ILE A 303 18.98 0.47 6.36
CA ILE A 303 19.75 1.70 6.30
C ILE A 303 19.20 2.63 7.39
N SER A 304 20.03 2.93 8.40
CA SER A 304 19.56 3.64 9.60
C SER A 304 20.00 5.09 9.64
N SER A 305 19.05 5.98 9.85
CA SER A 305 19.37 7.38 10.00
C SER A 305 19.41 7.76 11.48
N GLU A 306 19.84 6.83 12.33
CA GLU A 306 19.90 7.07 13.77
C GLU A 306 20.79 8.27 14.04
N LYS A 307 22.06 8.21 13.64
CA LYS A 307 22.97 9.33 13.85
C LYS A 307 22.18 10.58 13.56
N LEU A 308 21.62 10.69 12.36
CA LEU A 308 20.78 11.83 12.05
C LEU A 308 19.76 12.05 13.16
N VAL A 309 18.83 11.12 13.36
CA VAL A 309 17.79 11.34 14.38
C VAL A 309 18.39 11.67 15.76
N LYS A 310 19.49 10.97 16.11
CA LYS A 310 20.12 11.11 17.40
C LYS A 310 20.53 12.55 17.61
N GLU A 311 20.95 13.20 16.54
CA GLU A 311 21.33 14.61 16.61
C GLU A 311 20.11 15.53 16.57
N GLY A 312 18.92 14.97 16.36
CA GLY A 312 17.70 15.70 16.70
C GLY A 312 16.69 15.99 15.59
N PHE A 313 16.96 15.49 14.38
CA PHE A 313 16.05 15.65 13.25
C PHE A 313 14.81 14.76 13.45
N SER A 314 13.65 15.22 12.98
CA SER A 314 12.49 14.34 12.91
C SER A 314 11.90 14.37 11.51
N PHE A 315 11.65 13.17 10.97
CA PHE A 315 11.15 13.03 9.61
C PHE A 315 9.67 13.33 9.59
N LYS A 316 9.26 14.30 8.79
CA LYS A 316 7.85 14.62 8.67
C LYS A 316 7.13 13.45 8.00
N TYR A 317 7.69 12.97 6.90
CA TYR A 317 6.97 12.03 6.02
C TYR A 317 7.45 10.61 6.17
N GLY A 318 6.51 9.73 6.50
CA GLY A 318 6.73 8.30 6.42
C GLY A 318 6.39 7.75 5.04
N ILE A 319 6.49 6.43 4.93
CA ILE A 319 6.27 5.69 3.70
C ILE A 319 4.85 5.91 3.17
N GLU A 320 3.89 6.03 4.09
CA GLU A 320 2.50 6.23 3.72
C GLU A 320 2.37 7.57 3.03
N GLU A 321 2.92 8.59 3.68
CA GLU A 321 2.84 9.97 3.16
C GLU A 321 3.73 10.17 1.95
N ILE A 322 4.82 9.42 1.88
CA ILE A 322 5.65 9.48 0.70
C ILE A 322 4.85 9.07 -0.50
N TYR A 323 4.03 8.03 -0.34
CA TYR A 323 3.35 7.46 -1.48
C TYR A 323 2.08 8.21 -1.85
N ASP A 324 1.32 8.66 -0.85
CA ASP A 324 0.20 9.54 -1.14
C ASP A 324 0.81 10.70 -1.93
N GLU A 325 1.78 11.36 -1.31
CA GLU A 325 2.47 12.48 -1.94
C GLU A 325 2.90 12.16 -3.36
N SER A 326 3.65 11.09 -3.52
CA SER A 326 4.16 10.72 -4.84
C SER A 326 3.03 10.39 -5.82
N VAL A 327 2.03 9.66 -5.33
CA VAL A 327 0.85 9.32 -6.14
C VAL A 327 0.11 10.57 -6.58
N GLU A 328 -0.18 11.47 -5.61
CA GLU A 328 -0.97 12.69 -5.85
C GLU A 328 -0.29 13.66 -6.81
N TYR A 329 1.04 13.72 -6.76
CA TYR A 329 1.84 14.49 -7.72
C TYR A 329 1.77 13.87 -9.13
N PHE A 330 1.95 12.55 -9.18
CA PHE A 330 1.94 11.85 -10.43
C PHE A 330 0.65 12.11 -11.16
N LYS A 331 -0.48 11.93 -10.48
CA LYS A 331 -1.78 12.24 -11.07
C LYS A 331 -1.79 13.71 -11.51
N ALA A 332 -1.44 14.60 -10.58
CA ALA A 332 -1.34 16.04 -10.87
C ALA A 332 -0.41 16.26 -12.07
N LYS A 333 0.65 15.47 -12.15
CA LYS A 333 1.47 15.42 -13.35
C LYS A 333 0.70 14.93 -14.57
N GLY A 334 -0.49 14.37 -14.36
CA GLY A 334 -1.25 13.72 -15.42
C GLY A 334 -0.60 12.43 -15.89
N LEU A 335 -0.11 11.65 -14.94
CA LEU A 335 0.57 10.40 -15.21
C LEU A 335 -0.14 9.28 -14.42
N LEU A 336 -1.46 9.37 -14.34
CA LEU A 336 -2.24 8.35 -13.64
C LEU A 336 -3.72 8.42 -14.02
N GLN A 337 -4.51 7.51 -13.45
CA GLN A 337 -5.97 7.50 -13.59
C GLN A 337 -6.61 8.12 -12.35
N LYS B 9 -19.38 13.12 2.12
CA LYS B 9 -20.05 13.11 0.79
C LYS B 9 -20.89 11.84 0.57
N LYS B 10 -20.42 10.72 1.08
CA LYS B 10 -21.03 9.42 0.83
C LYS B 10 -21.08 8.64 2.12
N THR B 11 -22.30 8.46 2.63
CA THR B 11 -22.50 7.78 3.89
C THR B 11 -23.06 6.39 3.67
N ALA B 12 -22.50 5.42 4.39
CA ALA B 12 -22.79 4.01 4.19
C ALA B 12 -22.93 3.28 5.52
N CYS B 13 -23.84 2.32 5.57
CA CYS B 13 -23.97 1.48 6.75
C CYS B 13 -23.51 0.06 6.48
N VAL B 14 -22.70 -0.48 7.38
CA VAL B 14 -22.28 -1.87 7.32
C VAL B 14 -22.78 -2.50 8.59
N VAL B 15 -23.70 -3.45 8.51
CA VAL B 15 -24.25 -4.06 9.72
C VAL B 15 -23.30 -5.13 10.26
N GLY B 16 -23.37 -5.44 11.54
CA GLY B 16 -22.52 -6.47 12.11
C GLY B 16 -21.07 -6.24 11.72
N GLY B 17 -20.45 -5.25 12.37
CA GLY B 17 -19.12 -4.77 11.99
C GLY B 17 -17.98 -5.68 12.39
N THR B 18 -18.29 -6.72 13.16
CA THR B 18 -17.27 -7.66 13.60
C THR B 18 -17.09 -8.82 12.62
N GLY B 19 -17.92 -8.86 11.59
CA GLY B 19 -17.83 -9.89 10.59
C GLY B 19 -16.49 -9.90 9.89
N PHE B 20 -16.09 -11.10 9.47
CA PHE B 20 -14.89 -11.31 8.67
C PHE B 20 -14.95 -10.48 7.40
N VAL B 21 -16.02 -10.62 6.65
CA VAL B 21 -16.22 -9.76 5.49
C VAL B 21 -16.40 -8.35 6.00
N ALA B 22 -17.40 -8.20 6.86
CA ALA B 22 -18.01 -6.90 7.17
C ALA B 22 -16.98 -5.92 7.65
N SER B 23 -16.14 -6.37 8.58
CA SER B 23 -15.03 -5.55 9.05
C SER B 23 -14.23 -5.01 7.86
N LEU B 24 -14.03 -5.85 6.84
CA LEU B 24 -13.27 -5.45 5.69
C LEU B 24 -14.06 -4.51 4.76
N LEU B 25 -15.39 -4.58 4.74
CA LEU B 25 -16.16 -3.61 3.96
C LEU B 25 -15.90 -2.24 4.55
N VAL B 26 -16.07 -2.19 5.87
CA VAL B 26 -15.85 -0.99 6.63
C VAL B 26 -14.56 -0.34 6.22
N LYS B 27 -13.47 -1.05 6.43
CA LYS B 27 -12.16 -0.54 6.11
C LYS B 27 -12.12 -0.08 4.67
N LEU B 28 -12.44 -0.99 3.76
CA LEU B 28 -12.38 -0.65 2.34
C LEU B 28 -13.18 0.61 2.03
N LEU B 29 -14.29 0.79 2.75
CA LEU B 29 -15.15 1.94 2.51
C LEU B 29 -14.50 3.21 2.99
N LEU B 30 -14.05 3.23 4.24
CA LEU B 30 -13.39 4.41 4.79
C LEU B 30 -12.31 4.89 3.83
N GLN B 31 -11.57 3.94 3.26
CA GLN B 31 -10.49 4.24 2.33
C GLN B 31 -11.01 4.84 1.04
N LYS B 32 -12.27 4.55 0.72
CA LYS B 32 -12.91 5.15 -0.44
C LYS B 32 -13.53 6.54 -0.10
N GLY B 33 -13.13 7.09 1.05
CA GLY B 33 -13.67 8.36 1.53
C GLY B 33 -15.13 8.25 1.90
N TYR B 34 -15.56 7.04 2.25
CA TYR B 34 -16.93 6.86 2.71
C TYR B 34 -17.02 7.34 4.13
N ALA B 35 -18.22 7.81 4.46
CA ALA B 35 -18.66 7.95 5.84
C ALA B 35 -19.33 6.64 6.15
N VAL B 36 -18.92 6.01 7.25
CA VAL B 36 -19.34 4.66 7.54
C VAL B 36 -19.73 4.51 9.00
N ASN B 37 -20.84 3.83 9.22
CA ASN B 37 -21.19 3.35 10.54
C ASN B 37 -21.55 1.91 10.41
N THR B 38 -21.21 1.14 11.43
CA THR B 38 -21.52 -0.28 11.48
C THR B 38 -21.99 -0.64 12.88
N THR B 39 -22.90 -1.60 12.97
CA THR B 39 -23.49 -1.99 14.24
C THR B 39 -22.71 -3.13 14.90
N VAL B 40 -23.00 -3.35 16.17
CA VAL B 40 -22.49 -4.51 16.89
C VAL B 40 -23.43 -4.85 18.07
N ARG B 41 -23.52 -6.13 18.41
CA ARG B 41 -24.49 -6.62 19.42
C ARG B 41 -24.21 -5.97 20.78
N ASP B 42 -22.96 -6.08 21.25
CA ASP B 42 -22.55 -5.49 22.52
C ASP B 42 -21.12 -4.93 22.42
N PRO B 43 -20.99 -3.60 22.21
CA PRO B 43 -19.69 -2.90 22.13
C PRO B 43 -18.80 -3.08 23.35
N ASP B 44 -19.39 -3.50 24.47
CA ASP B 44 -18.66 -3.70 25.70
C ASP B 44 -17.39 -4.54 25.53
N ASN B 45 -17.43 -5.61 24.74
CA ASN B 45 -16.29 -6.53 24.66
C ASN B 45 -15.05 -5.95 23.96
N GLN B 46 -14.04 -5.66 24.76
CA GLN B 46 -12.86 -4.92 24.30
C GLN B 46 -12.06 -5.73 23.28
N LYS B 47 -11.99 -7.05 23.46
CA LYS B 47 -11.29 -7.90 22.51
C LYS B 47 -11.93 -7.82 21.11
N LYS B 48 -13.22 -8.12 21.05
CA LYS B 48 -13.96 -8.27 19.80
C LYS B 48 -14.14 -6.96 19.03
N VAL B 49 -14.08 -5.82 19.73
CA VAL B 49 -14.22 -4.50 19.08
C VAL B 49 -12.88 -3.93 18.61
N SER B 50 -11.80 -4.33 19.29
CA SER B 50 -10.42 -3.88 19.03
C SER B 50 -9.97 -3.54 17.63
N HIS B 51 -10.38 -4.38 16.67
CA HIS B 51 -10.11 -4.14 15.25
C HIS B 51 -10.86 -2.93 14.70
N LEU B 52 -12.04 -2.67 15.23
CA LEU B 52 -12.82 -1.52 14.79
C LEU B 52 -12.18 -0.19 15.23
N LEU B 53 -11.61 -0.14 16.44
CA LEU B 53 -10.93 1.06 16.90
C LEU B 53 -9.90 1.51 15.88
N GLU B 54 -8.92 0.64 15.64
CA GLU B 54 -7.83 0.91 14.70
C GLU B 54 -8.32 1.49 13.38
N LEU B 55 -9.55 1.19 13.00
CA LEU B 55 -10.10 1.66 11.72
C LEU B 55 -10.50 3.14 11.68
N GLN B 56 -10.79 3.75 12.83
CA GLN B 56 -11.18 5.18 12.84
C GLN B 56 -10.09 6.08 12.26
N GLU B 57 -8.84 5.67 12.45
CA GLU B 57 -7.70 6.36 11.84
C GLU B 57 -7.88 6.55 10.34
N LEU B 58 -8.62 5.66 9.70
CA LEU B 58 -8.83 5.73 8.25
C LEU B 58 -9.89 6.75 7.77
N GLY B 59 -10.76 7.19 8.69
CA GLY B 59 -11.87 8.11 8.35
C GLY B 59 -12.97 8.19 9.40
N ASP B 60 -14.14 8.68 8.99
CA ASP B 60 -15.27 8.90 9.92
C ASP B 60 -16.15 7.66 10.13
N LEU B 61 -15.74 6.81 11.06
CA LEU B 61 -16.49 5.61 11.40
C LEU B 61 -17.20 5.82 12.73
N LYS B 62 -18.53 5.82 12.72
CA LYS B 62 -19.33 5.81 13.97
C LYS B 62 -19.74 4.37 14.29
N ILE B 63 -19.51 3.93 15.50
CA ILE B 63 -19.94 2.61 15.91
C ILE B 63 -21.19 2.74 16.74
N PHE B 64 -22.31 2.28 16.16
CA PHE B 64 -23.62 2.25 16.81
C PHE B 64 -23.79 0.88 17.40
N ARG B 65 -24.58 0.77 18.46
CA ARG B 65 -24.93 -0.54 19.03
C ARG B 65 -26.33 -0.91 18.58
N ALA B 66 -26.48 -2.13 18.07
CA ALA B 66 -27.79 -2.60 17.57
C ALA B 66 -27.79 -4.11 17.38
N ASP B 67 -28.95 -4.73 17.60
CA ASP B 67 -29.07 -6.18 17.62
C ASP B 67 -30.00 -6.62 16.50
N LEU B 68 -29.69 -7.76 15.88
CA LEU B 68 -30.49 -8.26 14.75
C LEU B 68 -31.92 -8.59 15.14
N THR B 69 -32.21 -8.61 16.43
CA THR B 69 -33.56 -8.85 16.93
C THR B 69 -34.43 -7.61 16.78
N ASP B 70 -33.87 -6.43 17.05
CA ASP B 70 -34.68 -5.22 17.20
C ASP B 70 -34.47 -4.21 16.06
N GLU B 71 -35.53 -3.98 15.29
CA GLU B 71 -35.47 -3.18 14.05
C GLU B 71 -35.29 -1.69 14.28
N LEU B 72 -35.64 -1.21 15.46
CA LEU B 72 -35.50 0.21 15.78
C LEU B 72 -34.02 0.56 16.04
N SER B 73 -33.25 -0.43 16.53
CA SER B 73 -31.81 -0.29 16.75
C SER B 73 -31.12 0.13 15.46
N PHE B 74 -31.60 -0.39 14.35
CA PHE B 74 -31.00 -0.17 13.05
C PHE B 74 -31.48 1.10 12.39
N GLU B 75 -32.61 1.63 12.82
CA GLU B 75 -33.08 2.93 12.32
C GLU B 75 -32.00 3.98 12.58
N ALA B 76 -31.35 3.88 13.73
CA ALA B 76 -30.30 4.82 14.12
C ALA B 76 -29.16 4.89 13.09
N PRO B 77 -28.36 3.79 12.96
CA PRO B 77 -27.26 3.72 11.99
C PRO B 77 -27.66 3.85 10.51
N ILE B 78 -28.77 3.23 10.12
CA ILE B 78 -29.15 3.14 8.70
C ILE B 78 -29.66 4.47 8.11
N ALA B 79 -29.71 5.50 8.95
CA ALA B 79 -30.31 6.78 8.57
C ALA B 79 -29.24 7.81 8.25
N GLY B 80 -29.42 8.49 7.11
CA GLY B 80 -28.43 9.39 6.53
C GLY B 80 -27.65 8.71 5.43
N CYS B 81 -27.62 7.37 5.49
CA CYS B 81 -26.73 6.57 4.65
C CYS B 81 -27.36 6.28 3.31
N ASP B 82 -26.54 6.37 2.27
CA ASP B 82 -26.97 6.03 0.91
C ASP B 82 -27.09 4.50 0.74
N PHE B 83 -26.18 3.76 1.39
CA PHE B 83 -26.11 2.29 1.28
C PHE B 83 -26.17 1.58 2.62
N VAL B 84 -27.01 0.56 2.70
CA VAL B 84 -27.00 -0.39 3.84
C VAL B 84 -26.45 -1.76 3.38
N PHE B 85 -25.40 -2.22 4.07
CA PHE B 85 -24.77 -3.52 3.79
C PHE B 85 -25.05 -4.45 4.95
N HIS B 86 -25.60 -5.61 4.64
CA HIS B 86 -25.77 -6.65 5.64
C HIS B 86 -25.20 -7.96 5.09
N VAL B 87 -24.51 -8.70 5.96
CA VAL B 87 -24.02 -10.02 5.61
C VAL B 87 -24.90 -11.04 6.30
N ALA B 88 -25.88 -11.57 5.55
CA ALA B 88 -26.92 -12.44 6.08
C ALA B 88 -26.41 -13.75 6.70
N THR B 89 -25.23 -14.18 6.26
CA THR B 89 -24.67 -15.49 6.60
C THR B 89 -23.20 -15.36 7.00
N PRO B 90 -22.93 -14.86 8.21
CA PRO B 90 -21.54 -14.56 8.54
C PRO B 90 -20.66 -15.79 8.69
N VAL B 91 -19.47 -15.73 8.10
CA VAL B 91 -18.46 -16.73 8.40
C VAL B 91 -18.22 -16.66 9.89
N HIS B 92 -17.87 -17.80 10.47
CA HIS B 92 -18.11 -18.05 11.87
C HIS B 92 -16.88 -18.59 12.65
N PHE B 93 -16.82 -18.27 13.94
CA PHE B 93 -15.66 -18.60 14.78
C PHE B 93 -15.79 -18.71 16.31
N ALA B 94 -15.34 -19.84 16.85
CA ALA B 94 -15.43 -20.20 18.29
C ALA B 94 -16.70 -19.86 19.11
N SER B 95 -17.84 -20.37 18.65
CA SER B 95 -19.11 -20.21 19.35
C SER B 95 -19.93 -21.51 19.16
N GLU B 96 -21.03 -21.65 19.91
CA GLU B 96 -21.78 -22.93 19.92
C GLU B 96 -22.49 -23.26 18.58
N ASP B 97 -23.19 -22.27 18.03
CA ASP B 97 -24.02 -22.37 16.80
C ASP B 97 -25.51 -22.32 17.16
N MET B 102 -30.52 -20.89 14.10
CA MET B 102 -29.32 -20.78 13.26
C MET B 102 -29.55 -19.97 11.99
N ILE B 103 -30.70 -20.23 11.35
CA ILE B 103 -31.15 -19.53 10.13
C ILE B 103 -32.39 -18.66 10.37
N LYS B 104 -33.25 -19.06 11.32
CA LYS B 104 -34.37 -18.24 11.76
C LYS B 104 -33.90 -16.84 12.21
N PRO B 105 -32.82 -16.77 13.02
CA PRO B 105 -32.30 -15.46 13.43
C PRO B 105 -31.93 -14.62 12.23
N ALA B 106 -31.21 -15.23 11.29
CA ALA B 106 -30.81 -14.56 10.08
C ALA B 106 -32.02 -13.99 9.34
N ILE B 107 -33.00 -14.84 9.05
CA ILE B 107 -34.21 -14.43 8.33
C ILE B 107 -34.84 -13.25 9.06
N GLN B 108 -34.86 -13.34 10.38
CA GLN B 108 -35.38 -12.28 11.23
C GLN B 108 -34.54 -11.03 11.02
N GLY B 109 -33.22 -11.20 11.09
CA GLY B 109 -32.29 -10.10 10.98
C GLY B 109 -32.50 -9.31 9.70
N VAL B 110 -32.39 -10.00 8.57
CA VAL B 110 -32.47 -9.35 7.26
C VAL B 110 -33.81 -8.65 6.98
N VAL B 111 -34.89 -9.07 7.65
CA VAL B 111 -36.16 -8.33 7.57
C VAL B 111 -36.13 -7.06 8.43
N ASN B 112 -35.88 -7.17 9.73
CA ASN B 112 -35.83 -5.99 10.59
C ASN B 112 -35.01 -4.91 9.88
N VAL B 113 -33.78 -5.27 9.54
CA VAL B 113 -32.81 -4.40 8.85
C VAL B 113 -33.36 -3.77 7.57
N MET B 114 -33.87 -4.59 6.67
CA MET B 114 -34.48 -4.10 5.45
C MET B 114 -35.71 -3.22 5.72
N LYS B 115 -36.42 -3.53 6.81
CA LYS B 115 -37.54 -2.67 7.26
C LYS B 115 -36.97 -1.29 7.60
N ALA B 116 -36.05 -1.26 8.56
CA ALA B 116 -35.38 -0.02 8.97
C ALA B 116 -34.95 0.87 7.79
N CYS B 117 -34.70 0.27 6.63
CA CYS B 117 -34.30 1.01 5.44
C CYS B 117 -35.48 1.55 4.64
N THR B 118 -36.68 1.10 4.97
CA THR B 118 -37.92 1.68 4.44
C THR B 118 -38.13 3.06 5.05
N ARG B 119 -37.88 3.15 6.36
CA ARG B 119 -37.98 4.40 7.09
C ARG B 119 -36.63 5.13 7.09
N ALA B 120 -35.90 5.03 5.98
CA ALA B 120 -34.81 5.95 5.66
C ALA B 120 -34.96 6.30 4.19
N LYS B 121 -35.27 7.56 3.92
CA LYS B 121 -35.50 8.03 2.56
C LYS B 121 -34.19 8.15 1.81
N SER B 122 -33.10 8.33 2.55
CA SER B 122 -31.76 8.43 1.99
C SER B 122 -31.37 7.23 1.13
N VAL B 123 -31.52 6.04 1.71
CA VAL B 123 -30.93 4.82 1.18
C VAL B 123 -31.22 4.58 -0.31
N LYS B 124 -30.16 4.66 -1.11
CA LYS B 124 -30.28 4.45 -2.55
C LYS B 124 -30.36 2.96 -2.86
N ARG B 125 -29.66 2.15 -2.07
CA ARG B 125 -29.51 0.71 -2.34
C ARG B 125 -29.32 -0.10 -1.06
N VAL B 126 -29.77 -1.36 -1.07
CA VAL B 126 -29.40 -2.34 -0.01
C VAL B 126 -28.58 -3.44 -0.66
N ILE B 127 -27.39 -3.75 -0.13
CA ILE B 127 -26.54 -4.79 -0.74
C ILE B 127 -26.15 -5.88 0.26
N LEU B 128 -26.68 -7.07 0.00
CA LEU B 128 -26.74 -8.15 0.99
C LEU B 128 -25.79 -9.29 0.62
N THR B 129 -25.14 -9.89 1.62
CA THR B 129 -24.29 -11.05 1.37
C THR B 129 -24.93 -12.31 1.91
N SER B 130 -25.10 -13.30 1.03
CA SER B 130 -25.54 -14.62 1.43
C SER B 130 -24.80 -15.66 0.60
N SER B 131 -24.43 -16.76 1.24
CA SER B 131 -23.82 -17.89 0.55
C SER B 131 -24.36 -19.19 1.12
N ALA B 132 -24.76 -20.09 0.24
CA ALA B 132 -25.19 -21.42 0.67
C ALA B 132 -24.00 -22.15 1.33
N ALA B 133 -22.81 -21.91 0.78
CA ALA B 133 -21.58 -22.52 1.27
C ALA B 133 -21.23 -22.07 2.69
N ALA B 134 -21.31 -20.76 2.95
CA ALA B 134 -20.93 -20.23 4.24
C ALA B 134 -21.68 -21.05 5.24
N VAL B 135 -22.99 -21.04 5.09
CA VAL B 135 -23.85 -21.74 6.05
C VAL B 135 -23.33 -23.16 6.28
N THR B 136 -23.10 -23.92 5.22
CA THR B 136 -22.61 -25.29 5.36
C THR B 136 -21.28 -25.31 6.05
N ILE B 137 -20.31 -24.59 5.48
CA ILE B 137 -18.98 -24.47 6.07
C ILE B 137 -19.07 -24.23 7.57
N ASN B 138 -20.02 -23.40 8.00
CA ASN B 138 -20.21 -23.13 9.42
C ASN B 138 -20.53 -24.36 10.24
N GLN B 139 -21.26 -25.30 9.68
CA GLN B 139 -21.67 -26.50 10.42
C GLN B 139 -20.50 -27.41 10.74
N LEU B 140 -19.46 -27.41 9.88
CA LEU B 140 -18.21 -28.15 10.14
C LEU B 140 -17.65 -27.82 11.51
N ASP B 141 -17.92 -26.61 12.00
CA ASP B 141 -17.56 -26.18 13.35
C ASP B 141 -18.49 -26.72 14.43
N GLY B 142 -19.61 -27.32 14.05
CA GLY B 142 -20.61 -27.80 15.01
C GLY B 142 -20.13 -28.89 15.98
N THR B 143 -21.06 -29.38 16.78
CA THR B 143 -20.75 -30.32 17.84
C THR B 143 -21.63 -31.57 17.74
N GLY B 144 -21.00 -32.72 17.53
CA GLY B 144 -21.71 -34.00 17.41
C GLY B 144 -21.95 -34.44 15.99
N LEU B 145 -21.08 -34.05 15.07
CA LEU B 145 -21.22 -34.40 13.66
C LEU B 145 -20.85 -35.86 13.53
N VAL B 146 -21.58 -36.57 12.65
CA VAL B 146 -21.36 -38.00 12.39
C VAL B 146 -20.38 -38.19 11.25
N VAL B 147 -19.43 -39.09 11.46
CA VAL B 147 -18.31 -39.25 10.56
C VAL B 147 -18.06 -40.71 10.32
N ASP B 148 -17.64 -41.05 9.10
CA ASP B 148 -17.41 -42.45 8.72
C ASP B 148 -16.52 -42.62 7.44
N GLU B 149 -16.63 -43.79 6.81
CA GLU B 149 -15.79 -44.15 5.66
C GLU B 149 -16.06 -43.27 4.41
N LYS B 150 -14.98 -42.86 3.73
CA LYS B 150 -15.01 -41.69 2.83
C LYS B 150 -14.99 -42.00 1.32
N ASN B 151 -15.97 -42.82 0.89
CA ASN B 151 -16.04 -43.34 -0.49
C ASN B 151 -16.09 -42.24 -1.59
N TRP B 152 -15.16 -42.31 -2.54
CA TRP B 152 -15.04 -41.31 -3.61
C TRP B 152 -16.35 -41.12 -4.38
N PRO B 163 -24.78 -33.11 8.40
CA PRO B 163 -23.37 -32.74 8.29
C PRO B 163 -22.98 -32.36 6.87
N PRO B 164 -22.92 -33.34 5.98
CA PRO B 164 -22.56 -33.10 4.58
C PRO B 164 -23.76 -32.58 3.78
N THR B 165 -24.34 -31.47 4.21
CA THR B 165 -25.49 -30.88 3.53
C THR B 165 -24.98 -29.86 2.52
N TRP B 166 -23.85 -30.16 1.88
CA TRP B 166 -23.36 -29.31 0.82
C TRP B 166 -24.49 -29.19 -0.18
N GLY B 167 -24.60 -28.01 -0.76
CA GLY B 167 -25.69 -27.73 -1.68
C GLY B 167 -25.14 -27.17 -2.96
N TYR B 168 -26.06 -26.79 -3.83
CA TYR B 168 -25.71 -26.03 -5.01
C TYR B 168 -25.06 -24.78 -4.44
N PRO B 169 -23.83 -24.49 -4.86
CA PRO B 169 -23.17 -23.31 -4.30
C PRO B 169 -23.96 -22.05 -4.58
N ALA B 170 -24.71 -22.06 -5.68
CA ALA B 170 -25.44 -20.90 -6.12
C ALA B 170 -26.94 -20.92 -5.80
N SER B 171 -27.46 -21.91 -5.07
CA SER B 171 -28.89 -21.88 -4.74
C SER B 171 -29.18 -20.68 -3.86
N LYS B 172 -30.44 -20.36 -3.61
CA LYS B 172 -30.78 -19.22 -2.74
C LYS B 172 -31.05 -19.66 -1.31
N THR B 173 -30.38 -19.04 -0.35
CA THR B 173 -30.71 -19.28 1.06
C THR B 173 -32.08 -18.72 1.39
N LEU B 174 -32.73 -19.26 2.40
CA LEU B 174 -34.04 -18.76 2.78
C LEU B 174 -33.93 -17.26 3.03
N ALA B 175 -33.00 -16.87 3.88
CA ALA B 175 -32.78 -15.46 4.16
C ALA B 175 -32.78 -14.69 2.83
N GLU B 176 -31.90 -15.08 1.94
CA GLU B 176 -31.83 -14.40 0.66
C GLU B 176 -33.21 -14.37 0.00
N LYS B 177 -33.86 -15.52 -0.06
CA LYS B 177 -35.19 -15.59 -0.68
C LYS B 177 -36.07 -14.55 -0.02
N ALA B 178 -35.99 -14.45 1.30
CA ALA B 178 -36.74 -13.46 2.06
C ALA B 178 -36.53 -12.04 1.52
N ALA B 179 -35.25 -11.67 1.37
CA ALA B 179 -34.84 -10.31 1.03
C ALA B 179 -35.47 -9.71 -0.24
N TRP B 180 -35.68 -10.54 -1.26
CA TRP B 180 -36.32 -10.05 -2.51
C TRP B 180 -37.82 -9.87 -2.31
N LYS B 181 -38.39 -10.83 -1.60
CA LYS B 181 -39.79 -10.78 -1.25
C LYS B 181 -40.04 -9.46 -0.56
N PHE B 182 -39.16 -9.12 0.37
CA PHE B 182 -39.22 -7.84 1.03
C PHE B 182 -39.01 -6.70 0.03
N ALA B 183 -37.98 -6.80 -0.79
CA ALA B 183 -37.62 -5.70 -1.69
C ALA B 183 -38.71 -5.38 -2.71
N GLU B 184 -39.26 -6.41 -3.36
CA GLU B 184 -40.28 -6.23 -4.39
C GLU B 184 -41.58 -5.67 -3.80
N GLU B 185 -42.00 -6.24 -2.67
CA GLU B 185 -43.11 -5.71 -1.90
C GLU B 185 -42.86 -4.25 -1.50
N ASN B 186 -41.61 -3.84 -1.26
CA ASN B 186 -41.32 -2.48 -0.76
C ASN B 186 -40.50 -1.61 -1.74
N ASN B 187 -40.58 -1.94 -3.03
CA ASN B 187 -39.92 -1.18 -4.09
C ASN B 187 -38.45 -0.82 -3.78
N ILE B 188 -37.76 -1.71 -3.05
CA ILE B 188 -36.38 -1.47 -2.57
C ILE B 188 -35.38 -2.04 -3.57
N ASP B 189 -34.45 -1.20 -4.03
CA ASP B 189 -33.41 -1.69 -4.91
C ASP B 189 -32.47 -2.55 -4.10
N LEU B 190 -32.67 -3.87 -4.24
CA LEU B 190 -31.81 -4.86 -3.60
C LEU B 190 -30.86 -5.51 -4.60
N ILE B 191 -29.68 -5.80 -4.10
CA ILE B 191 -28.65 -6.50 -4.82
C ILE B 191 -28.00 -7.43 -3.82
N THR B 192 -27.69 -8.63 -4.26
CA THR B 192 -27.15 -9.65 -3.38
C THR B 192 -25.83 -10.17 -3.95
N VAL B 193 -24.87 -10.47 -3.08
CA VAL B 193 -23.57 -10.99 -3.48
C VAL B 193 -23.37 -12.40 -2.93
N ILE B 194 -23.02 -13.34 -3.79
CA ILE B 194 -22.92 -14.75 -3.37
C ILE B 194 -21.47 -15.27 -3.35
N PRO B 195 -20.75 -15.08 -2.23
CA PRO B 195 -19.41 -15.65 -2.10
C PRO B 195 -19.46 -17.17 -1.97
N THR B 196 -18.32 -17.81 -2.21
CA THR B 196 -18.21 -19.26 -2.21
C THR B 196 -17.58 -19.91 -1.00
N LEU B 197 -16.25 -19.87 -0.95
CA LEU B 197 -15.40 -20.05 0.20
C LEU B 197 -14.44 -18.88 0.13
N MET B 198 -14.41 -18.07 1.17
CA MET B 198 -13.52 -16.92 1.17
C MET B 198 -12.32 -17.25 2.00
N ALA B 199 -11.17 -16.78 1.58
CA ALA B 199 -9.97 -16.89 2.39
C ALA B 199 -9.16 -15.63 2.23
N GLY B 200 -7.98 -15.61 2.84
CA GLY B 200 -7.08 -14.47 2.80
C GLY B 200 -6.63 -14.20 4.21
N SER B 201 -6.85 -12.98 4.68
CA SER B 201 -6.51 -12.58 6.05
C SER B 201 -7.73 -11.92 6.65
N SER B 202 -7.93 -12.12 7.95
CA SER B 202 -9.08 -11.58 8.66
C SER B 202 -8.67 -10.50 9.64
N LEU B 203 -9.42 -9.39 9.65
CA LEU B 203 -9.17 -8.33 10.61
C LEU B 203 -9.40 -8.80 12.05
N THR B 204 -10.38 -9.68 12.23
CA THR B 204 -10.74 -10.19 13.55
C THR B 204 -9.65 -10.98 14.31
N SER B 205 -9.84 -11.07 15.62
CA SER B 205 -8.88 -11.67 16.55
C SER B 205 -8.80 -13.18 16.35
N ASP B 206 -9.94 -13.76 15.97
CA ASP B 206 -10.07 -15.20 15.89
C ASP B 206 -10.20 -15.65 14.45
N VAL B 207 -9.61 -16.80 14.15
CA VAL B 207 -9.58 -17.30 12.78
C VAL B 207 -10.99 -17.69 12.38
N PRO B 208 -11.41 -17.28 11.18
CA PRO B 208 -12.71 -17.66 10.63
C PRO B 208 -12.64 -18.96 9.86
N SER B 209 -13.67 -19.78 9.97
CA SER B 209 -13.64 -21.14 9.45
C SER B 209 -13.25 -21.20 7.99
N SER B 210 -13.84 -20.31 7.18
CA SER B 210 -13.71 -20.36 5.73
C SER B 210 -12.25 -20.49 5.39
N ILE B 211 -11.43 -19.73 6.11
CA ILE B 211 -9.98 -19.82 5.99
C ILE B 211 -9.45 -21.14 6.52
N GLY B 212 -9.89 -21.50 7.71
CA GLY B 212 -9.45 -22.73 8.38
C GLY B 212 -9.54 -23.91 7.43
N LEU B 213 -10.76 -24.14 6.94
CA LEU B 213 -11.01 -25.16 5.94
C LEU B 213 -10.13 -24.98 4.72
N ALA B 214 -10.06 -23.75 4.22
CA ALA B 214 -9.22 -23.48 3.06
C ALA B 214 -7.79 -23.94 3.31
N MET B 215 -7.27 -23.56 4.48
CA MET B 215 -5.90 -23.86 4.86
C MET B 215 -5.70 -25.30 5.33
N SER B 216 -6.81 -26.02 5.59
CA SER B 216 -6.75 -27.38 6.14
C SER B 216 -5.75 -28.26 5.44
N LEU B 217 -5.63 -28.12 4.12
CA LEU B 217 -4.67 -28.92 3.38
C LEU B 217 -3.25 -28.71 3.85
N ILE B 218 -2.85 -27.45 3.96
CA ILE B 218 -1.54 -27.15 4.49
C ILE B 218 -1.49 -27.57 5.96
N THR B 219 -2.53 -27.22 6.70
CA THR B 219 -2.62 -27.53 8.14
C THR B 219 -2.59 -29.03 8.46
N GLY B 220 -2.96 -29.87 7.49
CA GLY B 220 -3.01 -31.30 7.72
C GLY B 220 -4.10 -31.72 8.67
N ASN B 221 -5.10 -30.86 8.87
CA ASN B 221 -6.27 -31.25 9.64
C ASN B 221 -7.12 -32.11 8.71
N GLU B 222 -7.03 -33.42 8.89
CA GLU B 222 -7.66 -34.38 7.99
C GLU B 222 -9.17 -34.19 7.94
N PHE B 223 -9.80 -34.05 9.10
CA PHE B 223 -11.25 -33.89 9.14
C PHE B 223 -11.68 -32.82 8.16
N LEU B 224 -11.05 -31.65 8.24
CA LEU B 224 -11.38 -30.55 7.36
C LEU B 224 -11.06 -30.86 5.91
N ILE B 225 -9.93 -31.49 5.65
CA ILE B 225 -9.59 -31.90 4.28
C ILE B 225 -10.74 -32.64 3.63
N ASN B 226 -11.46 -33.45 4.41
CA ASN B 226 -12.55 -34.28 3.91
C ASN B 226 -13.84 -33.51 3.76
N GLY B 227 -14.01 -32.52 4.63
CA GLY B 227 -15.08 -31.54 4.47
C GLY B 227 -14.92 -30.88 3.13
N MET B 228 -13.71 -30.45 2.84
CA MET B 228 -13.42 -29.95 1.51
C MET B 228 -13.76 -30.97 0.45
N LYS B 229 -13.37 -32.22 0.66
CA LYS B 229 -13.63 -33.26 -0.34
C LYS B 229 -15.12 -33.48 -0.53
N GLY B 230 -15.86 -33.53 0.57
CA GLY B 230 -17.30 -33.56 0.49
C GLY B 230 -17.83 -32.33 -0.24
N MET B 231 -17.20 -31.19 0.05
CA MET B 231 -17.51 -29.96 -0.64
C MET B 231 -17.39 -30.14 -2.15
N GLN B 232 -16.37 -30.84 -2.61
CA GLN B 232 -16.20 -31.06 -4.04
C GLN B 232 -17.23 -32.03 -4.60
N MET B 233 -17.54 -33.07 -3.84
CA MET B 233 -18.48 -34.08 -4.30
C MET B 233 -19.90 -33.54 -4.31
N LEU B 234 -20.31 -32.96 -3.19
CA LEU B 234 -21.72 -32.64 -2.98
C LEU B 234 -22.08 -31.22 -3.37
N SER B 235 -21.15 -30.29 -3.19
CA SER B 235 -21.36 -28.94 -3.71
C SER B 235 -20.93 -28.88 -5.15
N GLY B 236 -19.91 -29.65 -5.51
CA GLY B 236 -19.60 -29.88 -6.92
C GLY B 236 -18.39 -29.16 -7.47
N SER B 237 -17.78 -28.31 -6.65
CA SER B 237 -16.52 -27.64 -6.99
C SER B 237 -15.89 -27.07 -5.75
N VAL B 238 -14.57 -27.00 -5.76
CA VAL B 238 -13.83 -26.19 -4.81
C VAL B 238 -13.78 -24.80 -5.42
N SER B 239 -14.66 -23.93 -4.94
CA SER B 239 -14.70 -22.56 -5.42
C SER B 239 -14.24 -21.71 -4.28
N ILE B 240 -13.40 -20.74 -4.58
CA ILE B 240 -12.74 -19.96 -3.56
C ILE B 240 -12.60 -18.53 -4.06
N ALA B 241 -12.58 -17.59 -3.12
CA ALA B 241 -12.30 -16.21 -3.43
C ALA B 241 -11.55 -15.57 -2.27
N HIS B 242 -11.07 -14.36 -2.51
CA HIS B 242 -10.26 -13.64 -1.55
C HIS B 242 -11.14 -12.62 -0.85
N VAL B 243 -11.22 -12.68 0.47
CA VAL B 243 -12.18 -11.84 1.19
C VAL B 243 -12.13 -10.36 0.76
N GLU B 244 -10.94 -9.87 0.45
CA GLU B 244 -10.79 -8.53 -0.06
C GLU B 244 -11.58 -8.38 -1.37
N ASP B 245 -11.38 -9.32 -2.28
CA ASP B 245 -12.09 -9.27 -3.54
C ASP B 245 -13.58 -9.37 -3.33
N VAL B 246 -13.99 -10.28 -2.47
CA VAL B 246 -15.41 -10.43 -2.19
C VAL B 246 -15.94 -9.08 -1.72
N CYS B 247 -15.25 -8.43 -0.79
CA CYS B 247 -15.63 -7.09 -0.35
C CYS B 247 -15.60 -6.04 -1.47
N ARG B 248 -14.51 -5.96 -2.22
CA ARG B 248 -14.46 -5.00 -3.34
C ARG B 248 -15.69 -5.10 -4.21
N ALA B 249 -16.15 -6.30 -4.48
CA ALA B 249 -17.33 -6.45 -5.31
C ALA B 249 -18.58 -5.84 -4.64
N HIS B 250 -18.74 -6.05 -3.34
CA HIS B 250 -19.91 -5.53 -2.66
C HIS B 250 -20.02 -4.04 -2.95
N ILE B 251 -18.91 -3.35 -2.72
CA ILE B 251 -18.82 -1.94 -3.03
C ILE B 251 -19.16 -1.72 -4.47
N PHE B 252 -18.40 -2.37 -5.35
CA PHE B 252 -18.49 -2.11 -6.77
C PHE B 252 -19.93 -2.12 -7.25
N VAL B 253 -20.66 -3.15 -6.84
CA VAL B 253 -22.07 -3.30 -7.24
C VAL B 253 -22.93 -2.31 -6.47
N ALA B 254 -22.49 -1.95 -5.28
CA ALA B 254 -23.16 -0.90 -4.51
C ALA B 254 -23.20 0.32 -5.40
N GLU B 255 -22.04 0.72 -5.90
CA GLU B 255 -21.92 1.96 -6.67
C GLU B 255 -22.49 1.80 -8.08
N LYS B 256 -21.90 0.94 -8.92
CA LYS B 256 -22.34 0.89 -10.31
C LYS B 256 -23.85 0.97 -10.35
N GLU B 257 -24.35 1.92 -11.15
CA GLU B 257 -25.78 2.23 -11.17
C GLU B 257 -26.59 1.12 -11.81
N SER B 258 -26.08 0.54 -12.90
CA SER B 258 -26.83 -0.43 -13.71
C SER B 258 -26.79 -1.88 -13.22
N ALA B 259 -26.23 -2.11 -12.02
CA ALA B 259 -26.15 -3.44 -11.43
C ALA B 259 -27.53 -3.91 -11.01
N SER B 260 -27.77 -5.21 -11.10
CA SER B 260 -29.07 -5.77 -10.80
C SER B 260 -28.94 -7.22 -10.41
N GLY B 261 -29.93 -7.70 -9.67
CA GLY B 261 -30.08 -9.12 -9.38
C GLY B 261 -29.08 -9.63 -8.36
N ARG B 262 -28.51 -10.79 -8.68
CA ARG B 262 -27.55 -11.47 -7.81
C ARG B 262 -26.19 -11.43 -8.46
N TYR B 263 -25.17 -11.58 -7.66
CA TYR B 263 -23.80 -11.62 -8.18
C TYR B 263 -22.99 -12.70 -7.48
N ILE B 264 -22.71 -13.75 -8.24
CA ILE B 264 -21.86 -14.83 -7.77
C ILE B 264 -20.45 -14.31 -7.79
N CYS B 265 -19.73 -14.55 -6.71
CA CYS B 265 -18.39 -14.02 -6.58
C CYS B 265 -17.38 -15.05 -6.12
N CYS B 266 -16.61 -15.55 -7.09
CA CYS B 266 -15.47 -16.39 -6.78
C CYS B 266 -14.40 -16.19 -7.84
N ALA B 267 -13.14 -16.31 -7.43
CA ALA B 267 -11.98 -16.12 -8.31
C ALA B 267 -11.57 -17.39 -9.06
N ALA B 268 -11.37 -18.46 -8.31
CA ALA B 268 -10.84 -19.70 -8.87
C ALA B 268 -11.82 -20.86 -8.67
N ASN B 269 -11.78 -21.79 -9.62
CA ASN B 269 -12.46 -23.07 -9.52
C ASN B 269 -11.38 -24.13 -9.54
N THR B 270 -11.37 -25.04 -8.57
CA THR B 270 -10.33 -26.07 -8.51
C THR B 270 -10.89 -27.39 -7.96
N SER B 271 -9.98 -28.33 -7.70
CA SER B 271 -10.33 -29.64 -7.18
C SER B 271 -9.42 -29.91 -6.00
N VAL B 272 -9.83 -30.76 -5.10
CA VAL B 272 -8.99 -31.06 -3.93
C VAL B 272 -7.61 -31.60 -4.37
N PRO B 273 -7.59 -32.62 -5.26
CA PRO B 273 -6.33 -33.11 -5.80
C PRO B 273 -5.55 -32.10 -6.61
N GLU B 274 -6.24 -31.26 -7.37
CA GLU B 274 -5.57 -30.25 -8.19
C GLU B 274 -4.91 -29.17 -7.33
N LEU B 275 -5.59 -28.80 -6.25
CA LEU B 275 -5.13 -27.79 -5.32
C LEU B 275 -3.95 -28.31 -4.55
N ALA B 276 -4.13 -29.48 -3.94
CA ALA B 276 -3.09 -30.17 -3.17
C ALA B 276 -1.78 -30.21 -3.93
N LYS B 277 -1.82 -30.59 -5.22
CA LYS B 277 -0.63 -30.52 -6.05
C LYS B 277 -0.11 -29.08 -6.04
N PHE B 278 -0.97 -28.14 -6.42
CA PHE B 278 -0.57 -26.75 -6.51
C PHE B 278 0.09 -26.32 -5.22
N LEU B 279 -0.64 -26.45 -4.12
CA LEU B 279 -0.13 -26.07 -2.82
C LEU B 279 1.22 -26.76 -2.58
N SER B 280 1.30 -28.07 -2.79
CA SER B 280 2.51 -28.81 -2.43
C SER B 280 3.71 -28.37 -3.23
N LYS B 281 3.49 -28.13 -4.52
CA LYS B 281 4.53 -27.60 -5.39
C LYS B 281 4.91 -26.17 -5.00
N ARG B 282 3.97 -25.43 -4.45
CA ARG B 282 4.19 -24.01 -4.12
C ARG B 282 4.70 -23.76 -2.68
N TYR B 283 4.37 -24.66 -1.76
CA TYR B 283 4.79 -24.53 -0.38
C TYR B 283 5.50 -25.79 0.10
N PRO B 284 6.73 -25.98 -0.36
CA PRO B 284 7.52 -27.16 0.01
C PRO B 284 7.78 -27.23 1.52
N GLN B 285 8.07 -26.10 2.13
CA GLN B 285 8.35 -26.05 3.57
C GLN B 285 7.36 -26.93 4.32
N TYR B 286 6.16 -27.05 3.76
CA TYR B 286 5.07 -27.78 4.37
C TYR B 286 4.84 -29.10 3.63
N LYS B 287 4.63 -30.17 4.38
CA LYS B 287 4.41 -31.47 3.77
C LYS B 287 2.94 -31.56 3.39
N VAL B 288 2.65 -31.28 2.12
CA VAL B 288 1.26 -31.32 1.63
C VAL B 288 1.08 -32.64 0.90
N PRO B 289 0.08 -33.43 1.31
CA PRO B 289 -0.04 -34.77 0.79
C PRO B 289 -0.51 -34.68 -0.65
N THR B 290 0.16 -35.41 -1.56
CA THR B 290 -0.22 -35.32 -2.97
C THR B 290 -0.85 -36.57 -3.55
N ASP B 291 -1.11 -37.62 -2.76
CA ASP B 291 -1.68 -38.83 -3.35
C ASP B 291 -3.03 -39.20 -2.75
N PHE B 292 -4.08 -39.04 -3.56
CA PHE B 292 -5.46 -39.38 -3.20
C PHE B 292 -5.99 -40.56 -4.02
N GLY B 293 -5.15 -41.11 -4.90
CA GLY B 293 -5.53 -42.25 -5.70
C GLY B 293 -6.87 -42.05 -6.37
N ASP B 294 -7.85 -42.82 -5.94
CA ASP B 294 -9.13 -42.88 -6.62
C ASP B 294 -9.89 -41.55 -6.64
N PHE B 295 -9.60 -40.64 -5.70
CA PHE B 295 -10.39 -39.42 -5.59
C PHE B 295 -10.32 -38.57 -6.86
N PRO B 296 -11.48 -38.14 -7.35
CA PRO B 296 -11.57 -37.48 -8.63
C PRO B 296 -10.73 -36.20 -8.73
N PRO B 297 -9.90 -36.12 -9.77
CA PRO B 297 -8.99 -35.00 -10.00
C PRO B 297 -9.69 -33.78 -10.53
N LYS B 298 -10.78 -33.97 -11.25
CA LYS B 298 -11.54 -32.88 -11.84
C LYS B 298 -12.90 -32.77 -11.14
N SER B 299 -13.38 -31.54 -10.95
CA SER B 299 -14.69 -31.31 -10.34
C SER B 299 -15.75 -31.25 -11.45
N LYS B 300 -16.99 -31.51 -11.05
CA LYS B 300 -18.11 -31.56 -11.98
C LYS B 300 -18.50 -30.16 -12.51
N LEU B 301 -18.41 -29.17 -11.63
CA LEU B 301 -18.93 -27.85 -11.90
C LEU B 301 -17.86 -26.76 -11.93
N ILE B 302 -18.17 -25.71 -12.68
CA ILE B 302 -17.37 -24.49 -12.68
C ILE B 302 -18.32 -23.33 -12.36
N ILE B 303 -18.02 -22.63 -11.28
CA ILE B 303 -18.86 -21.53 -10.79
C ILE B 303 -18.28 -20.20 -11.27
N SER B 304 -19.00 -19.56 -12.19
CA SER B 304 -18.44 -18.48 -13.01
C SER B 304 -18.95 -17.08 -12.62
N SER B 305 -18.03 -16.15 -12.39
CA SER B 305 -18.39 -14.79 -12.03
C SER B 305 -18.37 -13.86 -13.26
N GLU B 306 -18.53 -14.44 -14.45
CA GLU B 306 -18.45 -13.66 -15.68
C GLU B 306 -19.52 -12.56 -15.77
N LYS B 307 -20.65 -12.73 -15.09
CA LYS B 307 -21.65 -11.64 -14.97
C LYS B 307 -21.06 -10.40 -14.33
N LEU B 308 -20.56 -10.56 -13.11
CA LEU B 308 -19.87 -9.51 -12.38
C LEU B 308 -18.67 -8.98 -13.17
N VAL B 309 -17.84 -9.90 -13.68
CA VAL B 309 -16.68 -9.53 -14.47
C VAL B 309 -17.06 -8.67 -15.65
N LYS B 310 -18.03 -9.19 -16.42
CA LYS B 310 -18.50 -8.50 -17.63
C LYS B 310 -19.19 -7.18 -17.40
N GLU B 311 -19.98 -7.19 -16.36
CA GLU B 311 -20.64 -6.03 -15.89
C GLU B 311 -19.61 -4.98 -15.66
N GLY B 312 -18.40 -5.37 -15.30
CA GLY B 312 -17.33 -4.41 -15.10
C GLY B 312 -16.24 -4.72 -14.11
N PHE B 313 -16.62 -5.26 -12.98
CA PHE B 313 -15.70 -5.53 -11.88
C PHE B 313 -14.52 -6.30 -12.41
N SER B 314 -13.40 -6.31 -11.65
CA SER B 314 -12.33 -7.21 -11.99
C SER B 314 -11.60 -7.66 -10.73
N PHE B 315 -11.42 -8.98 -10.66
CA PHE B 315 -10.71 -9.57 -9.51
C PHE B 315 -9.28 -9.11 -9.55
N LYS B 316 -8.69 -8.93 -8.38
CA LYS B 316 -7.30 -8.57 -8.26
C LYS B 316 -6.47 -9.81 -7.89
N TYR B 317 -6.95 -10.59 -6.94
CA TYR B 317 -6.15 -11.66 -6.38
C TYR B 317 -6.52 -13.02 -6.95
N GLY B 318 -5.50 -13.82 -7.29
CA GLY B 318 -5.68 -15.18 -7.79
C GLY B 318 -5.48 -16.21 -6.70
N ILE B 319 -5.39 -17.48 -7.09
CA ILE B 319 -5.22 -18.55 -6.12
C ILE B 319 -3.89 -18.43 -5.37
N GLU B 320 -2.89 -17.81 -6.00
CA GLU B 320 -1.56 -17.62 -5.41
C GLU B 320 -1.60 -16.55 -4.35
N GLU B 321 -2.07 -15.38 -4.73
CA GLU B 321 -2.19 -14.29 -3.80
C GLU B 321 -3.08 -14.75 -2.63
N ILE B 322 -4.17 -15.47 -2.92
CA ILE B 322 -5.06 -15.96 -1.87
C ILE B 322 -4.33 -16.83 -0.87
N TYR B 323 -3.63 -17.84 -1.35
CA TYR B 323 -2.97 -18.74 -0.43
C TYR B 323 -1.80 -18.11 0.30
N ASP B 324 -1.07 -17.23 -0.39
CA ASP B 324 0.06 -16.48 0.21
C ASP B 324 -0.33 -15.75 1.51
N GLU B 325 -1.47 -15.06 1.44
CA GLU B 325 -1.99 -14.34 2.57
C GLU B 325 -2.31 -15.29 3.67
N SER B 326 -3.14 -16.27 3.36
CA SER B 326 -3.66 -17.16 4.38
C SER B 326 -2.53 -17.91 5.03
N VAL B 327 -1.50 -18.27 4.26
CA VAL B 327 -0.29 -18.84 4.84
C VAL B 327 0.37 -17.83 5.77
N GLU B 328 0.59 -16.61 5.27
CA GLU B 328 1.23 -15.53 6.07
C GLU B 328 0.43 -15.17 7.33
N TYR B 329 -0.89 -15.05 7.16
CA TYR B 329 -1.84 -14.81 8.24
C TYR B 329 -1.78 -15.85 9.33
N PHE B 330 -1.68 -17.10 8.92
CA PHE B 330 -1.59 -18.20 9.88
C PHE B 330 -0.25 -18.21 10.55
N LYS B 331 0.78 -17.72 9.88
CA LYS B 331 2.09 -17.62 10.52
C LYS B 331 1.90 -16.72 11.73
N ALA B 332 1.47 -15.49 11.47
CA ALA B 332 1.25 -14.49 12.52
C ALA B 332 0.55 -15.13 13.72
N LYS B 333 -0.46 -15.92 13.42
CA LYS B 333 -1.22 -16.60 14.45
C LYS B 333 -0.39 -17.69 15.13
N GLY B 334 0.72 -18.11 14.51
CA GLY B 334 1.48 -19.25 15.00
C GLY B 334 0.68 -20.54 14.89
N LEU B 335 -0.13 -20.64 13.84
CA LEU B 335 -0.81 -21.89 13.53
C LEU B 335 0.12 -22.76 12.69
N LEU B 336 0.97 -22.11 11.91
CA LEU B 336 1.93 -22.84 11.09
C LEU B 336 3.34 -22.40 11.48
N GLN B 337 4.24 -23.38 11.60
CA GLN B 337 5.61 -23.18 12.11
C GLN B 337 5.58 -22.75 13.56
#